data_7D5U
#
_entry.id   7D5U
#
_cell.length_a   62.926
_cell.length_b   74.339
_cell.length_c   108.389
_cell.angle_alpha   90.000
_cell.angle_beta   90.000
_cell.angle_gamma   90.000
#
_symmetry.space_group_name_H-M   'P 21 21 21'
#
loop_
_entity.id
_entity.type
_entity.pdbx_description
1 polymer 'Beta-secretase 2'
2 polymer xaperone
3 non-polymer N-[3-[(9S)-7-azanyl-2,2-bis(fluoranyl)-9-prop-1-ynyl-6-oxa-8-azaspiro[3.5]non-7-en-9-yl]-4-fluoranyl-phenyl]-5-cyano-pyridine-2-carboxamide
4 water water
#
loop_
_entity_poly.entity_id
_entity_poly.type
_entity_poly.pdbx_seq_one_letter_code
_entity_poly.pdbx_strand_id
1 'polypeptide(L)'
;ANFLAMVDNLQGDSGRGYYLEMLIGTPPQKLQILVDTGSSNFAVAGTPHSYIDTYFDTERSSTYRSKGFDVTVKYTQGSW
TGFVGEDLVTIPKGFNTSFLVNIATIFESENFFLPGIKWNGILGLAYATLAKPSSSLETFFDSLVTQANIPNVFSMQMCG
AGLPVAGSGTNGGSLVLGGIEPSLYKGDIWYTPIKEEWYYQIEILKLEIGGQSLNLDCREYNADKAIVDSGTTLLRLPQK
VFDAVVEAVARASLIPEFSDGFWTGSQLACWTNSETPWSYFPKISIYLRDENSSRSFRITILPQLYIQPMMGAGLNYECY
RFGISPSTNALVIGATVMEGFYVIFDRAQKRVGFAASPCAEIAGAAVSEISGPFSTEDVASNCVPA
;
A
2 'polypeptide(L)'
;AQVQLQESGGGLVQPGGSLRLSCAASGFTFSSAIMTWVRQAPGKGREWVSTIGSDGSITTYADSVKGRFTISRDNARNTL
YLQMNSLKPEDTAVYYCTSAGRRGPGTQVTVSSH
;
D
#
loop_
_chem_comp.id
_chem_comp.type
_chem_comp.name
_chem_comp.formula
GX6 non-polymer N-[3-[(9S)-7-azanyl-2,2-bis(fluoranyl)-9-prop-1-ynyl-6-oxa-8-azaspiro[3.5]non-7-en-9-yl]-4-fluoranyl-phenyl]-5-cyano-pyridine-2-carboxamide 'C23 H18 F3 N5 O2'
#
# COMPACT_ATOMS: atom_id res chain seq x y z
N PHE A 3 -14.01 9.55 7.02
CA PHE A 3 -13.63 8.29 6.14
C PHE A 3 -14.84 7.44 5.58
N LEU A 4 -16.06 7.77 5.93
CA LEU A 4 -17.32 7.02 5.52
C LEU A 4 -17.37 7.08 3.97
N ALA A 5 -16.79 8.11 3.36
CA ALA A 5 -16.80 8.30 1.93
C ALA A 5 -15.92 7.14 1.33
N MET A 6 -15.11 6.48 2.16
CA MET A 6 -14.09 5.55 1.68
C MET A 6 -14.56 4.14 1.86
N VAL A 7 -15.58 3.95 2.68
CA VAL A 7 -16.28 2.59 2.89
C VAL A 7 -16.92 2.11 1.60
N ASP A 8 -16.59 0.86 1.28
CA ASP A 8 -17.02 0.10 0.11
C ASP A 8 -16.50 0.82 -1.20
N ASN A 9 -15.37 1.46 -1.17
CA ASN A 9 -14.81 2.04 -2.34
C ASN A 9 -14.03 1.03 -3.20
N LEU A 10 -13.91 -0.25 -2.79
CA LEU A 10 -13.05 -1.25 -3.54
C LEU A 10 -14.07 -2.14 -4.26
N GLN A 11 -13.82 -2.55 -5.51
CA GLN A 11 -14.56 -3.62 -6.07
C GLN A 11 -13.66 -4.92 -6.24
N GLY A 12 -14.23 -6.02 -6.63
CA GLY A 12 -13.43 -7.24 -6.82
C GLY A 12 -13.47 -8.25 -5.71
N ASP A 13 -12.68 -9.30 -5.84
CA ASP A 13 -12.60 -10.48 -4.87
C ASP A 13 -11.18 -10.91 -4.96
N SER A 14 -10.82 -12.13 -4.53
CA SER A 14 -9.39 -12.42 -4.41
C SER A 14 -8.80 -12.91 -5.77
N GLY A 15 -9.61 -13.10 -6.79
CA GLY A 15 -9.07 -13.50 -8.07
C GLY A 15 -9.09 -12.32 -9.07
N ARG A 16 -10.20 -11.61 -9.12
CA ARG A 16 -10.24 -10.36 -9.89
C ARG A 16 -9.14 -9.40 -9.31
N GLY A 17 -8.83 -9.48 -8.03
CA GLY A 17 -8.17 -8.35 -7.30
C GLY A 17 -9.14 -7.40 -6.68
N TYR A 18 -8.73 -6.69 -5.71
CA TYR A 18 -9.51 -5.51 -5.11
C TYR A 18 -8.94 -4.21 -5.77
N TYR A 19 -9.81 -3.49 -6.45
CA TYR A 19 -9.41 -2.36 -7.24
C TYR A 19 -10.31 -1.14 -6.85
N LEU A 20 -9.71 -0.04 -6.93
CA LEU A 20 -10.16 1.29 -6.69
C LEU A 20 -10.36 2.13 -8.00
N GLU A 21 -11.47 2.84 -8.09
N GLU A 21 -11.52 2.81 -8.11
CA GLU A 21 -11.69 3.68 -9.30
CA GLU A 21 -11.79 3.75 -9.27
C GLU A 21 -10.88 4.95 -9.19
C GLU A 21 -10.78 4.94 -9.10
N MET A 22 -9.92 5.09 -10.12
CA MET A 22 -8.98 6.29 -10.12
C MET A 22 -9.18 7.06 -11.49
N LEU A 23 -9.20 8.37 -11.37
CA LEU A 23 -9.48 9.41 -12.47
C LEU A 23 -8.10 10.16 -12.73
N ILE A 24 -7.56 10.03 -13.95
CA ILE A 24 -6.17 10.43 -14.26
C ILE A 24 -6.19 11.35 -15.46
N GLY A 25 -5.62 12.52 -15.29
CA GLY A 25 -5.32 13.41 -16.39
C GLY A 25 -6.38 14.47 -16.58
N THR A 26 -6.30 15.19 -17.73
CA THR A 26 -7.31 16.28 -17.90
C THR A 26 -7.60 16.24 -19.48
N PRO A 27 -8.84 16.01 -19.86
CA PRO A 27 -9.94 15.63 -18.94
C PRO A 27 -9.64 14.24 -18.34
N PRO A 28 -10.32 13.99 -17.24
CA PRO A 28 -10.05 12.74 -16.46
C PRO A 28 -10.37 11.38 -17.28
N GLN A 29 -9.50 10.40 -17.17
CA GLN A 29 -9.65 9.02 -17.78
C GLN A 29 -9.76 7.99 -16.54
N LYS A 30 -10.78 7.17 -16.54
CA LYS A 30 -11.24 6.43 -15.34
C LYS A 30 -10.56 5.20 -15.51
N LEU A 31 -9.74 4.85 -14.56
CA LEU A 31 -9.21 3.53 -14.61
C LEU A 31 -9.60 2.78 -13.34
N GLN A 32 -9.33 1.47 -13.36
N GLN A 32 -9.35 1.47 -13.35
CA GLN A 32 -9.59 0.52 -12.29
CA GLN A 32 -9.56 0.58 -12.22
C GLN A 32 -8.21 0.04 -11.83
C GLN A 32 -8.20 0.05 -11.81
N ILE A 33 -7.82 0.32 -10.60
CA ILE A 33 -6.46 0.17 -10.22
C ILE A 33 -6.38 -0.82 -8.99
N LEU A 34 -5.58 -1.87 -9.16
CA LEU A 34 -5.35 -2.88 -8.19
C LEU A 34 -4.68 -2.28 -7.01
N VAL A 35 -5.15 -2.53 -5.81
CA VAL A 35 -4.48 -1.95 -4.52
C VAL A 35 -3.48 -2.94 -4.11
N ASP A 36 -2.23 -2.55 -4.14
CA ASP A 36 -1.08 -3.46 -4.10
C ASP A 36 -0.19 -2.97 -2.97
N THR A 37 -0.29 -3.59 -1.75
CA THR A 37 0.68 -3.24 -0.65
C THR A 37 2.10 -3.86 -0.77
N GLY A 38 2.34 -4.70 -1.76
CA GLY A 38 3.60 -5.32 -2.10
C GLY A 38 4.41 -4.70 -3.17
N SER A 39 4.04 -3.49 -3.63
CA SER A 39 4.95 -2.73 -4.61
C SER A 39 4.77 -1.24 -4.35
N SER A 40 5.55 -0.45 -5.08
CA SER A 40 5.69 0.95 -4.76
C SER A 40 5.55 1.95 -5.96
N ASN A 41 5.02 1.46 -7.12
CA ASN A 41 4.82 2.29 -8.31
C ASN A 41 3.38 2.37 -8.59
N PHE A 42 2.97 3.51 -9.14
CA PHE A 42 1.68 3.72 -9.68
C PHE A 42 1.96 3.37 -11.12
N ALA A 43 1.52 2.20 -11.59
CA ALA A 43 1.81 1.66 -13.00
C ALA A 43 0.57 1.30 -13.60
N VAL A 44 0.24 1.98 -14.65
CA VAL A 44 -0.94 1.74 -15.43
C VAL A 44 -0.78 1.27 -16.87
N ALA A 45 -1.84 0.73 -17.46
CA ALA A 45 -1.87 0.25 -18.89
C ALA A 45 -1.80 1.48 -19.78
N GLY A 46 -0.77 1.56 -20.66
CA GLY A 46 -0.50 2.60 -21.62
C GLY A 46 -0.82 2.36 -23.09
N THR A 47 -1.00 1.12 -23.47
CA THR A 47 -1.56 0.75 -24.77
C THR A 47 -2.74 -0.29 -24.57
N PRO A 48 -3.50 -0.58 -25.63
CA PRO A 48 -4.50 -1.63 -25.51
C PRO A 48 -3.79 -2.95 -25.34
N HIS A 49 -4.45 -3.99 -24.79
CA HIS A 49 -3.80 -5.32 -24.49
C HIS A 49 -4.83 -6.39 -24.00
N SER A 50 -4.61 -7.68 -24.28
CA SER A 50 -5.49 -8.87 -23.93
C SER A 50 -5.74 -9.24 -22.46
N TYR A 51 -6.98 -9.53 -22.08
CA TYR A 51 -7.33 -9.47 -20.63
C TYR A 51 -7.25 -7.91 -20.02
N ILE A 52 -7.60 -6.84 -20.80
CA ILE A 52 -8.01 -5.43 -20.35
C ILE A 52 -8.92 -4.64 -21.37
N ASP A 53 -9.84 -3.73 -20.94
CA ASP A 53 -10.70 -2.89 -21.93
C ASP A 53 -10.25 -1.47 -22.05
N THR A 54 -9.68 -0.90 -20.97
CA THR A 54 -9.22 0.44 -20.98
C THR A 54 -7.75 0.58 -20.65
N TYR A 55 -7.18 1.68 -21.09
CA TYR A 55 -5.80 2.06 -20.66
C TYR A 55 -5.81 3.56 -20.62
N PHE A 56 -4.73 4.12 -20.08
CA PHE A 56 -4.64 5.54 -19.91
C PHE A 56 -3.90 6.07 -21.19
N ASP A 57 -4.58 6.88 -21.93
CA ASP A 57 -3.95 7.54 -23.14
C ASP A 57 -3.38 8.97 -22.81
N THR A 58 -2.06 8.98 -22.68
CA THR A 58 -1.19 10.12 -22.12
C THR A 58 -1.30 11.23 -23.14
N GLU A 59 -1.49 10.90 -24.40
CA GLU A 59 -1.69 11.90 -25.43
C GLU A 59 -3.02 12.65 -25.34
N ARG A 60 -3.98 12.16 -24.61
CA ARG A 60 -5.36 12.73 -24.52
C ARG A 60 -5.48 13.50 -23.19
N SER A 61 -4.35 13.61 -22.48
CA SER A 61 -4.31 14.44 -21.19
C SER A 61 -3.45 15.66 -21.39
N SER A 62 -4.05 16.83 -21.24
CA SER A 62 -3.35 18.08 -21.46
C SER A 62 -2.35 18.42 -20.25
N THR A 63 -2.44 17.75 -19.12
CA THR A 63 -1.63 18.02 -17.95
C THR A 63 -0.56 16.97 -17.80
N TYR A 64 -0.46 16.05 -18.71
CA TYR A 64 0.50 15.01 -18.60
C TYR A 64 1.87 15.56 -18.94
N ARG A 65 2.87 15.10 -18.27
CA ARG A 65 4.29 15.52 -18.47
C ARG A 65 5.19 14.29 -18.40
N SER A 66 5.92 14.01 -19.43
CA SER A 66 6.85 12.93 -19.52
C SER A 66 8.11 13.26 -18.79
N LYS A 67 8.68 12.36 -17.96
CA LYS A 67 10.04 12.51 -17.39
C LYS A 67 11.15 12.18 -18.37
N GLY A 68 10.84 11.69 -19.60
CA GLY A 68 11.82 11.28 -20.64
C GLY A 68 12.65 10.09 -20.30
N PHE A 69 12.29 9.22 -19.35
CA PHE A 69 12.95 7.94 -19.17
C PHE A 69 11.86 6.80 -18.99
N ASP A 70 12.39 5.57 -18.87
CA ASP A 70 11.66 4.21 -18.82
C ASP A 70 11.93 3.52 -17.58
N VAL A 71 10.96 2.62 -17.18
CA VAL A 71 11.15 1.79 -15.95
C VAL A 71 11.08 0.33 -16.36
N THR A 72 11.84 -0.52 -15.67
CA THR A 72 11.97 -1.94 -16.01
C THR A 72 12.05 -2.81 -14.81
N VAL A 73 11.02 -3.64 -14.65
CA VAL A 73 11.04 -4.53 -13.49
C VAL A 73 10.96 -5.94 -13.92
N LYS A 74 12.07 -6.64 -13.83
CA LYS A 74 12.01 -8.09 -13.95
C LYS A 74 11.65 -8.70 -12.59
N TYR A 75 10.75 -9.69 -12.57
CA TYR A 75 10.47 -10.49 -11.32
C TYR A 75 10.37 -11.96 -11.67
N THR A 76 10.13 -12.87 -10.71
CA THR A 76 10.24 -14.26 -11.12
C THR A 76 9.13 -14.85 -12.19
N GLN A 77 7.92 -14.50 -11.91
CA GLN A 77 6.70 -14.76 -12.74
C GLN A 77 6.99 -14.12 -14.15
N GLY A 78 7.55 -12.89 -14.16
CA GLY A 78 7.74 -12.11 -15.38
C GLY A 78 8.33 -10.74 -15.32
N SER A 79 7.67 -9.77 -15.96
CA SER A 79 8.25 -8.46 -16.15
C SER A 79 7.29 -7.37 -16.63
N TRP A 80 7.62 -6.12 -16.29
CA TRP A 80 6.88 -5.00 -16.83
C TRP A 80 7.84 -3.88 -17.16
N THR A 81 7.51 -3.18 -18.28
CA THR A 81 8.17 -1.96 -18.81
C THR A 81 7.22 -0.81 -19.21
N GLY A 82 7.49 0.39 -18.65
CA GLY A 82 6.70 1.57 -18.99
C GLY A 82 7.52 2.88 -19.01
N PHE A 83 6.88 3.93 -19.52
CA PHE A 83 7.42 5.29 -19.42
C PHE A 83 7.08 5.86 -18.18
N VAL A 84 7.89 6.78 -17.75
CA VAL A 84 7.55 7.37 -16.40
C VAL A 84 7.11 8.81 -16.80
N GLY A 85 6.11 9.33 -16.19
CA GLY A 85 5.59 10.69 -16.27
C GLY A 85 4.91 11.16 -15.03
N GLU A 86 4.19 12.29 -15.11
CA GLU A 86 3.50 12.87 -14.11
C GLU A 86 2.20 13.33 -14.57
N ASP A 87 1.19 13.30 -13.67
CA ASP A 87 -0.11 13.88 -13.98
C ASP A 87 -0.96 14.09 -12.80
N LEU A 88 -2.08 14.76 -12.93
CA LEU A 88 -3.10 14.92 -11.93
C LEU A 88 -4.06 13.71 -11.77
N VAL A 89 -4.19 13.21 -10.58
CA VAL A 89 -5.19 12.21 -10.24
C VAL A 89 -6.22 12.64 -9.22
N THR A 90 -7.48 12.17 -9.34
CA THR A 90 -8.49 12.18 -8.16
C THR A 90 -8.85 10.69 -7.82
N ILE A 91 -9.29 10.50 -6.64
CA ILE A 91 -9.89 9.38 -6.09
C ILE A 91 -11.28 9.77 -5.73
N PRO A 92 -12.33 9.51 -6.59
CA PRO A 92 -13.59 10.09 -6.27
C PRO A 92 -14.19 9.52 -5.01
N LYS A 93 -13.83 8.31 -4.61
CA LYS A 93 -14.58 7.71 -3.37
C LYS A 93 -13.55 7.91 -2.29
N GLY A 94 -13.50 9.18 -1.87
CA GLY A 94 -12.28 9.51 -1.01
C GLY A 94 -11.99 11.00 -0.93
N PHE A 95 -11.57 11.62 -2.03
CA PHE A 95 -11.17 13.07 -2.13
C PHE A 95 -11.92 13.93 -3.23
N ASN A 96 -12.10 15.18 -2.91
CA ASN A 96 -12.54 16.25 -3.80
C ASN A 96 -11.52 16.67 -4.80
N THR A 97 -10.33 16.94 -4.30
CA THR A 97 -9.30 17.60 -5.04
C THR A 97 -8.41 16.53 -5.73
N SER A 98 -7.63 17.03 -6.69
CA SER A 98 -6.73 16.36 -7.51
C SER A 98 -5.32 16.67 -7.02
N PHE A 99 -4.36 15.71 -7.30
CA PHE A 99 -3.10 15.58 -6.64
C PHE A 99 -2.20 15.28 -7.77
N LEU A 100 -0.99 15.84 -7.74
CA LEU A 100 0.01 15.65 -8.78
C LEU A 100 0.97 14.49 -8.35
N VAL A 101 1.01 13.42 -9.18
CA VAL A 101 1.74 12.19 -8.93
C VAL A 101 2.58 11.67 -10.10
N ASN A 102 3.57 10.83 -9.79
CA ASN A 102 4.24 10.00 -10.80
C ASN A 102 3.37 8.80 -11.31
N ILE A 103 3.50 8.50 -12.61
CA ILE A 103 2.77 7.48 -13.30
C ILE A 103 3.69 6.78 -14.28
N ALA A 104 3.80 5.47 -14.18
CA ALA A 104 4.36 4.55 -15.18
C ALA A 104 3.35 3.95 -16.08
N THR A 105 3.48 4.23 -17.38
CA THR A 105 2.49 3.79 -18.38
C THR A 105 3.16 2.63 -19.06
N ILE A 106 2.56 1.45 -18.81
CA ILE A 106 3.08 0.08 -19.30
C ILE A 106 2.86 -0.09 -20.78
N PHE A 107 3.94 -0.27 -21.55
CA PHE A 107 3.78 -0.53 -23.03
C PHE A 107 4.18 -1.94 -23.39
N GLU A 108 4.82 -2.67 -22.49
CA GLU A 108 5.26 -4.08 -22.75
C GLU A 108 5.40 -4.85 -21.40
N SER A 109 4.95 -6.08 -21.39
CA SER A 109 5.01 -6.94 -20.15
C SER A 109 4.99 -8.47 -20.42
N GLU A 110 5.13 -9.28 -19.31
CA GLU A 110 5.16 -10.78 -19.34
C GLU A 110 4.65 -11.31 -17.95
N ASN A 111 3.61 -12.18 -18.02
CA ASN A 111 2.81 -12.51 -16.79
C ASN A 111 2.58 -11.32 -15.92
N PHE A 112 2.12 -10.23 -16.53
CA PHE A 112 1.60 -9.09 -15.76
C PHE A 112 0.01 -8.96 -15.67
N PHE A 113 -0.64 -8.70 -16.84
CA PHE A 113 -2.09 -8.58 -17.05
C PHE A 113 -2.73 -10.05 -17.27
N LEU A 114 -2.69 -10.89 -16.22
CA LEU A 114 -3.03 -12.33 -16.31
C LEU A 114 -4.55 -12.57 -16.64
N PRO A 115 -4.93 -13.70 -17.30
CA PRO A 115 -6.37 -13.72 -17.61
C PRO A 115 -7.40 -13.68 -16.38
N GLY A 116 -8.58 -13.19 -16.76
CA GLY A 116 -9.58 -12.66 -15.73
C GLY A 116 -9.34 -11.61 -14.66
N ILE A 117 -8.47 -10.65 -14.91
CA ILE A 117 -8.33 -9.45 -14.06
C ILE A 117 -9.35 -8.44 -14.55
N LYS A 118 -9.84 -7.55 -13.66
CA LYS A 118 -10.77 -6.39 -14.07
C LYS A 118 -10.06 -4.96 -13.93
N TRP A 119 -8.81 -4.99 -13.46
CA TRP A 119 -8.01 -3.82 -13.23
C TRP A 119 -7.10 -3.60 -14.45
N ASN A 120 -6.77 -2.34 -14.65
CA ASN A 120 -5.89 -2.00 -15.77
C ASN A 120 -4.72 -1.19 -15.33
N GLY A 121 -4.43 -1.27 -14.05
CA GLY A 121 -3.25 -0.69 -13.42
C GLY A 121 -3.11 -1.15 -12.00
N ILE A 122 -2.05 -0.73 -11.39
CA ILE A 122 -1.52 -1.07 -10.03
C ILE A 122 -1.15 0.07 -9.30
N LEU A 123 -1.65 0.19 -8.12
CA LEU A 123 -1.36 1.16 -7.07
C LEU A 123 -0.51 0.56 -5.98
N GLY A 124 0.75 0.80 -6.11
CA GLY A 124 1.77 0.43 -5.14
C GLY A 124 1.82 1.30 -3.96
N LEU A 125 1.54 0.68 -2.76
CA LEU A 125 1.37 1.47 -1.55
C LEU A 125 2.46 1.21 -0.52
N ALA A 126 3.46 0.40 -0.87
CA ALA A 126 4.69 0.14 -0.09
C ALA A 126 5.68 1.32 -0.19
N TYR A 127 6.81 1.20 0.50
CA TYR A 127 7.68 2.24 0.79
C TYR A 127 8.51 2.66 -0.38
N ALA A 128 9.13 3.86 -0.28
CA ALA A 128 9.94 4.43 -1.25
C ALA A 128 10.97 3.43 -1.72
N THR A 129 11.60 2.78 -0.75
CA THR A 129 12.75 1.82 -1.04
C THR A 129 12.36 0.87 -2.19
N LEU A 130 11.17 0.42 -2.33
CA LEU A 130 10.89 -0.51 -3.53
C LEU A 130 10.71 0.22 -4.81
N ALA A 131 10.63 1.56 -4.79
CA ALA A 131 10.28 2.29 -6.11
C ALA A 131 11.25 2.10 -7.22
N LYS A 132 10.76 2.11 -8.47
CA LYS A 132 11.57 1.89 -9.56
C LYS A 132 11.34 3.09 -10.62
N PRO A 133 12.35 3.61 -11.19
CA PRO A 133 13.80 3.06 -11.18
C PRO A 133 14.59 3.26 -9.97
N SER A 134 14.10 4.07 -9.00
CA SER A 134 14.84 4.24 -7.74
C SER A 134 13.97 4.86 -6.83
N SER A 135 14.36 4.75 -5.57
CA SER A 135 13.62 5.35 -4.46
C SER A 135 13.40 6.90 -4.46
N SER A 136 13.96 7.63 -5.46
CA SER A 136 13.76 9.06 -5.60
C SER A 136 12.44 9.24 -6.38
N LEU A 137 11.81 8.22 -6.94
CA LEU A 137 10.51 8.39 -7.66
C LEU A 137 9.47 8.40 -6.59
N GLU A 138 9.03 9.62 -6.29
CA GLU A 138 8.03 9.79 -5.15
C GLU A 138 6.82 8.82 -5.39
N THR A 139 6.44 8.11 -4.34
CA THR A 139 5.30 7.16 -4.37
C THR A 139 3.95 7.88 -4.30
N PHE A 140 2.90 7.18 -4.76
CA PHE A 140 1.60 7.77 -4.77
C PHE A 140 1.22 8.18 -3.36
N PHE A 141 1.38 7.30 -2.41
CA PHE A 141 0.94 7.58 -1.06
C PHE A 141 1.79 8.74 -0.43
N ASP A 142 3.12 8.73 -0.63
CA ASP A 142 3.90 9.84 -0.16
C ASP A 142 3.36 11.12 -0.88
N SER A 143 3.06 11.09 -2.22
CA SER A 143 2.37 12.31 -2.81
C SER A 143 1.06 12.70 -2.04
N LEU A 144 0.26 11.72 -1.75
CA LEU A 144 -1.10 11.99 -1.17
C LEU A 144 -1.09 12.42 0.30
N VAL A 145 -0.21 11.88 1.09
CA VAL A 145 0.00 12.37 2.43
C VAL A 145 0.41 13.86 2.47
N THR A 146 1.30 14.19 1.56
CA THR A 146 1.84 15.56 1.57
C THR A 146 0.74 16.52 1.09
N GLN A 147 0.17 16.25 -0.09
CA GLN A 147 -0.67 17.14 -0.69
C GLN A 147 -2.11 17.21 -0.09
N ALA A 148 -2.63 16.11 0.44
CA ALA A 148 -4.02 16.02 1.02
C ALA A 148 -4.06 16.24 2.43
N ASN A 149 -2.93 16.32 3.08
CA ASN A 149 -2.94 16.64 4.55
C ASN A 149 -3.56 15.46 5.43
N ILE A 150 -3.29 14.24 5.08
CA ILE A 150 -3.84 13.12 5.85
C ILE A 150 -2.72 12.56 6.65
N PRO A 151 -3.02 11.91 7.78
CA PRO A 151 -2.07 11.07 8.35
C PRO A 151 -1.38 10.07 7.45
N ASN A 152 -0.18 9.67 7.91
CA ASN A 152 0.64 8.66 7.23
C ASN A 152 0.17 7.25 7.69
N VAL A 153 -1.04 6.84 7.25
CA VAL A 153 -1.68 5.66 7.63
C VAL A 153 -2.73 5.38 6.54
N PHE A 154 -2.91 4.13 6.28
CA PHE A 154 -4.08 3.64 5.49
C PHE A 154 -4.49 2.29 6.00
N SER A 155 -5.74 1.88 5.72
CA SER A 155 -6.18 0.62 6.17
C SER A 155 -7.06 0.00 5.14
N MET A 156 -7.12 -1.31 5.18
CA MET A 156 -7.72 -2.11 4.14
C MET A 156 -8.55 -3.22 4.65
N GLN A 157 -9.76 -3.27 4.19
CA GLN A 157 -10.61 -4.37 4.37
C GLN A 157 -11.09 -5.04 3.06
N MET A 158 -10.76 -6.30 2.87
CA MET A 158 -11.32 -7.13 1.85
C MET A 158 -12.51 -8.01 2.30
N CYS A 159 -13.63 -7.96 1.57
CA CYS A 159 -14.77 -8.68 1.80
C CYS A 159 -15.14 -9.87 0.75
N GLY A 160 -14.27 -10.29 -0.11
CA GLY A 160 -14.61 -11.40 -1.14
C GLY A 160 -14.76 -12.83 -0.72
N ALA A 161 -14.19 -13.22 0.41
CA ALA A 161 -14.57 -14.41 1.17
C ALA A 161 -16.06 -14.57 1.23
N ASN A 171 -18.19 -8.85 -4.99
CA ASN A 171 -18.56 -7.93 -3.95
C ASN A 171 -17.52 -6.79 -3.94
N GLY A 172 -16.56 -6.75 -2.95
CA GLY A 172 -15.78 -5.60 -2.67
C GLY A 172 -15.07 -5.38 -1.34
N GLY A 173 -14.72 -4.20 -1.05
CA GLY A 173 -13.95 -3.92 0.18
C GLY A 173 -13.75 -2.45 0.39
N SER A 174 -12.77 -2.06 1.25
CA SER A 174 -12.51 -0.63 1.61
C SER A 174 -11.03 -0.37 1.74
N LEU A 175 -10.56 0.70 1.11
CA LEU A 175 -9.33 1.32 1.28
C LEU A 175 -9.51 2.69 1.89
N VAL A 176 -9.15 2.78 3.17
CA VAL A 176 -9.32 3.98 3.95
C VAL A 176 -7.97 4.71 3.97
N LEU A 177 -7.85 5.85 3.19
CA LEU A 177 -6.48 6.52 3.03
C LEU A 177 -6.46 7.62 4.08
N GLY A 178 -5.64 7.49 5.08
CA GLY A 178 -5.72 8.46 6.04
C GLY A 178 -6.00 8.16 7.43
N GLY A 179 -6.40 6.95 7.69
CA GLY A 179 -6.86 6.52 8.99
C GLY A 179 -7.49 5.11 9.09
N ILE A 180 -8.34 4.95 10.13
CA ILE A 180 -9.05 3.69 10.56
C ILE A 180 -10.51 4.08 10.60
N GLU A 181 -11.37 3.28 9.97
CA GLU A 181 -12.79 3.46 10.09
C GLU A 181 -13.38 2.50 11.05
N PRO A 182 -13.91 3.04 12.16
CA PRO A 182 -14.41 2.21 13.28
C PRO A 182 -15.54 1.24 12.85
N SER A 183 -16.38 1.64 11.91
CA SER A 183 -17.52 0.68 11.52
C SER A 183 -17.01 -0.55 10.67
N LEU A 184 -15.68 -0.61 10.34
CA LEU A 184 -15.04 -1.77 9.66
C LEU A 184 -14.45 -2.87 10.59
N TYR A 185 -14.49 -2.70 11.92
CA TYR A 185 -13.93 -3.74 12.82
C TYR A 185 -14.68 -3.71 14.15
N LYS A 186 -14.62 -4.83 14.83
CA LYS A 186 -15.09 -4.94 16.18
C LYS A 186 -13.91 -5.65 16.81
N GLY A 187 -13.79 -5.42 18.11
CA GLY A 187 -12.83 -6.08 18.99
C GLY A 187 -11.68 -5.10 18.83
N ASP A 188 -10.49 -5.59 19.24
CA ASP A 188 -9.25 -4.80 19.46
C ASP A 188 -8.41 -4.91 18.19
N ILE A 189 -7.73 -3.85 17.89
CA ILE A 189 -6.60 -3.85 17.04
C ILE A 189 -5.43 -4.44 17.77
N TRP A 190 -4.73 -5.42 17.21
CA TRP A 190 -3.40 -5.73 17.66
C TRP A 190 -2.39 -5.33 16.70
N TYR A 191 -1.33 -4.70 17.14
CA TYR A 191 -0.27 -4.20 16.29
C TYR A 191 1.01 -4.97 16.45
N THR A 192 1.72 -5.21 15.38
CA THR A 192 3.00 -5.89 15.29
C THR A 192 3.99 -4.95 14.62
N PRO A 193 5.29 -4.90 15.06
CA PRO A 193 6.16 -3.93 14.38
C PRO A 193 6.60 -4.20 12.93
N ILE A 194 6.68 -3.14 12.15
CA ILE A 194 7.25 -3.31 10.84
C ILE A 194 8.79 -3.36 11.11
N LYS A 195 9.38 -4.46 10.66
CA LYS A 195 10.80 -4.67 10.87
C LYS A 195 11.71 -3.94 9.91
N GLU A 196 11.25 -3.53 8.76
CA GLU A 196 12.08 -2.99 7.71
C GLU A 196 11.05 -2.38 6.74
N GLU A 197 11.25 -1.13 6.48
CA GLU A 197 10.32 -0.37 5.63
C GLU A 197 10.73 -0.53 4.16
N TRP A 198 10.19 -1.55 3.51
CA TRP A 198 10.36 -1.72 2.09
C TRP A 198 8.99 -2.32 1.52
N TYR A 199 8.89 -3.61 1.57
CA TYR A 199 7.66 -4.25 1.88
C TYR A 199 7.18 -3.88 3.32
N TYR A 200 5.99 -4.33 3.64
CA TYR A 200 5.42 -4.29 4.94
C TYR A 200 5.90 -5.51 5.66
N GLN A 201 7.23 -5.51 6.12
CA GLN A 201 7.86 -6.75 6.55
C GLN A 201 7.57 -6.81 8.08
N ILE A 202 7.01 -7.92 8.51
CA ILE A 202 6.62 -8.14 9.95
C ILE A 202 7.25 -9.49 10.39
N GLU A 203 7.35 -9.74 11.70
CA GLU A 203 8.00 -10.87 12.30
C GLU A 203 7.01 -11.94 12.77
N ILE A 204 7.15 -13.09 12.13
CA ILE A 204 6.37 -14.35 12.45
C ILE A 204 7.13 -15.17 13.45
N LEU A 205 6.43 -15.57 14.48
CA LEU A 205 7.09 -16.28 15.53
C LEU A 205 6.77 -17.76 15.53
N LYS A 206 5.64 -18.18 14.92
CA LYS A 206 5.06 -19.62 15.08
C LYS A 206 3.89 -19.74 14.15
N LEU A 207 3.80 -20.88 13.50
CA LEU A 207 2.54 -21.35 12.84
C LEU A 207 2.02 -22.52 13.58
N GLU A 208 0.73 -22.55 13.87
CA GLU A 208 0.11 -23.65 14.46
C GLU A 208 -1.05 -24.09 13.59
N ILE A 209 -1.10 -25.41 13.45
CA ILE A 209 -2.23 -26.10 12.58
C ILE A 209 -3.02 -26.97 13.49
N GLY A 210 -4.28 -26.67 13.69
CA GLY A 210 -5.20 -27.67 14.54
C GLY A 210 -4.73 -27.65 15.92
N GLY A 211 -4.38 -26.50 16.47
CA GLY A 211 -3.67 -26.57 17.80
C GLY A 211 -2.19 -27.02 17.96
N GLN A 212 -1.57 -27.48 16.91
CA GLN A 212 -0.21 -28.11 16.98
C GLN A 212 0.79 -27.20 16.25
N SER A 213 1.86 -26.82 16.91
CA SER A 213 2.86 -25.96 16.30
C SER A 213 3.69 -26.93 15.48
N LEU A 214 4.13 -26.38 14.37
CA LEU A 214 5.12 -26.94 13.48
C LEU A 214 6.48 -27.00 14.21
N ASN A 215 7.37 -27.98 13.99
CA ASN A 215 8.56 -28.00 14.91
C ASN A 215 9.80 -27.18 14.32
N LEU A 216 9.53 -26.03 13.60
CA LEU A 216 10.54 -25.29 12.74
C LEU A 216 11.11 -24.11 13.57
N ASP A 217 12.40 -23.98 13.69
CA ASP A 217 13.11 -22.67 13.94
C ASP A 217 12.38 -21.42 13.46
N CYS A 218 12.07 -20.51 14.36
CA CYS A 218 11.26 -19.40 13.92
C CYS A 218 11.87 -18.58 12.65
N ARG A 219 13.17 -18.74 12.40
CA ARG A 219 13.96 -18.17 11.27
C ARG A 219 13.42 -18.63 9.96
N GLU A 220 12.66 -19.79 10.01
CA GLU A 220 12.15 -20.47 8.80
C GLU A 220 11.03 -19.62 8.11
N TYR A 221 10.32 -18.86 8.94
CA TYR A 221 9.15 -18.17 8.59
C TYR A 221 9.50 -16.76 8.10
N ASN A 222 10.82 -16.31 8.25
CA ASN A 222 11.36 -14.97 8.00
C ASN A 222 12.65 -14.95 7.17
N ALA A 223 13.12 -16.07 6.58
CA ALA A 223 14.14 -15.93 5.48
C ALA A 223 13.31 -15.99 4.19
N ASP A 224 13.47 -15.02 3.28
CA ASP A 224 14.22 -13.68 3.39
C ASP A 224 13.36 -12.71 4.14
N LYS A 225 12.06 -12.96 4.06
CA LYS A 225 11.08 -11.98 4.61
C LYS A 225 9.59 -12.51 4.78
N ALA A 226 8.85 -12.08 5.85
CA ALA A 226 7.45 -12.23 5.98
C ALA A 226 6.84 -10.93 5.73
N ILE A 227 6.01 -10.83 4.74
CA ILE A 227 5.33 -9.59 4.43
C ILE A 227 3.83 -9.59 4.35
N VAL A 228 3.23 -8.38 4.36
CA VAL A 228 1.77 -8.24 4.20
C VAL A 228 1.51 -7.66 2.84
N ASP A 229 0.90 -8.44 1.89
CA ASP A 229 0.80 -8.00 0.41
C ASP A 229 -0.63 -8.24 -0.18
N SER A 230 -1.42 -7.19 -0.31
CA SER A 230 -2.72 -7.24 -0.97
C SER A 230 -2.67 -7.61 -2.42
N GLY A 231 -1.48 -7.52 -3.00
CA GLY A 231 -1.22 -7.78 -4.39
C GLY A 231 -0.71 -9.23 -4.61
N THR A 232 -0.94 -10.13 -3.65
CA THR A 232 -0.58 -11.53 -3.89
C THR A 232 -1.91 -12.21 -3.45
N THR A 233 -2.41 -13.01 -4.32
CA THR A 233 -3.74 -13.79 -4.02
C THR A 233 -3.73 -14.75 -2.81
N LEU A 234 -2.71 -15.66 -2.76
CA LEU A 234 -2.62 -16.75 -1.87
C LEU A 234 -1.72 -16.43 -0.64
N LEU A 235 -1.78 -17.33 0.32
CA LEU A 235 -0.87 -17.41 1.44
C LEU A 235 0.31 -18.12 0.90
N ARG A 236 1.47 -17.44 0.77
CA ARG A 236 2.66 -18.08 0.17
C ARG A 236 3.69 -18.39 1.19
N LEU A 237 4.24 -19.62 1.13
CA LEU A 237 5.07 -20.10 2.24
C LEU A 237 6.38 -20.73 1.64
N PRO A 238 7.58 -20.44 2.28
CA PRO A 238 8.84 -20.94 1.84
C PRO A 238 8.63 -22.50 1.71
N GLN A 239 9.17 -23.19 0.73
CA GLN A 239 8.90 -24.57 0.50
C GLN A 239 8.93 -25.51 1.77
N LYS A 240 9.91 -25.30 2.68
CA LYS A 240 10.06 -26.13 3.89
C LYS A 240 8.82 -25.87 4.71
N VAL A 241 8.44 -24.64 4.80
CA VAL A 241 7.25 -24.27 5.66
C VAL A 241 5.97 -24.82 5.02
N PHE A 242 5.84 -24.67 3.70
CA PHE A 242 4.73 -25.13 2.97
C PHE A 242 4.43 -26.66 3.17
N ASP A 243 5.49 -27.42 3.05
CA ASP A 243 5.56 -28.83 3.16
C ASP A 243 5.19 -29.27 4.49
N ALA A 244 5.65 -28.63 5.55
CA ALA A 244 5.16 -28.74 6.91
C ALA A 244 3.75 -28.29 7.19
N VAL A 245 3.23 -27.31 6.52
CA VAL A 245 1.82 -26.94 6.68
C VAL A 245 0.91 -27.99 6.03
N VAL A 246 1.27 -28.43 4.86
CA VAL A 246 0.57 -29.47 4.13
C VAL A 246 0.50 -30.82 4.91
N GLU A 247 1.57 -31.19 5.58
CA GLU A 247 1.70 -32.41 6.28
C GLU A 247 0.81 -32.29 7.54
N ALA A 248 0.82 -31.17 8.28
CA ALA A 248 0.01 -30.99 9.47
C ALA A 248 -1.47 -30.93 9.14
N VAL A 249 -1.85 -30.29 8.04
CA VAL A 249 -3.21 -30.10 7.56
C VAL A 249 -3.72 -31.51 7.26
N ALA A 250 -2.96 -32.32 6.54
CA ALA A 250 -3.46 -33.64 6.12
C ALA A 250 -3.52 -34.52 7.33
N ARG A 251 -2.61 -34.44 8.29
CA ARG A 251 -2.62 -35.35 9.52
C ARG A 251 -3.82 -34.90 10.38
N ALA A 252 -3.91 -33.61 10.67
CA ALA A 252 -5.08 -33.00 11.34
C ALA A 252 -6.38 -33.46 10.61
N SER A 253 -6.42 -33.68 9.30
CA SER A 253 -7.68 -34.08 8.62
C SER A 253 -8.30 -35.46 8.86
N LEU A 254 -7.58 -36.56 9.17
CA LEU A 254 -8.30 -37.91 9.55
C LEU A 254 -9.37 -38.60 8.55
N ILE A 255 -9.71 -37.89 7.48
CA ILE A 255 -10.69 -38.21 6.41
C ILE A 255 -9.84 -38.60 5.17
N PRO A 256 -10.35 -39.40 4.28
CA PRO A 256 -9.46 -39.87 3.23
C PRO A 256 -8.75 -38.67 2.69
N GLU A 257 -7.53 -38.88 2.24
CA GLU A 257 -6.61 -37.79 1.82
C GLU A 257 -7.13 -36.90 0.62
N PHE A 258 -6.59 -35.68 0.55
CA PHE A 258 -6.60 -34.93 -0.71
C PHE A 258 -5.49 -35.45 -1.61
N SER A 259 -5.70 -35.21 -2.93
CA SER A 259 -4.68 -35.44 -3.95
C SER A 259 -3.44 -34.51 -3.77
N ASP A 260 -2.28 -34.95 -4.29
CA ASP A 260 -1.06 -34.15 -4.28
C ASP A 260 -1.34 -32.96 -5.15
N GLY A 261 -2.13 -33.23 -6.19
CA GLY A 261 -2.61 -32.20 -7.08
C GLY A 261 -3.45 -31.08 -6.51
N PHE A 262 -4.25 -31.45 -5.52
CA PHE A 262 -4.80 -30.40 -4.71
C PHE A 262 -3.83 -29.51 -4.02
N TRP A 263 -2.94 -30.09 -3.24
CA TRP A 263 -2.01 -29.26 -2.48
C TRP A 263 -1.12 -28.36 -3.29
N THR A 264 -0.66 -28.81 -4.48
CA THR A 264 0.10 -27.91 -5.34
C THR A 264 -0.68 -27.08 -6.37
N GLY A 265 -1.95 -26.75 -6.24
CA GLY A 265 -2.68 -25.92 -7.26
C GLY A 265 -3.13 -26.62 -8.49
N SER A 266 -2.54 -27.76 -8.80
CA SER A 266 -2.93 -28.52 -10.03
C SER A 266 -4.26 -29.39 -9.97
N GLN A 267 -5.04 -29.34 -8.91
CA GLN A 267 -6.31 -30.22 -8.94
C GLN A 267 -7.34 -29.46 -8.04
N LEU A 268 -8.61 -29.67 -8.30
CA LEU A 268 -9.60 -29.09 -7.44
C LEU A 268 -10.13 -30.24 -6.69
N ALA A 269 -10.62 -30.04 -5.51
CA ALA A 269 -11.35 -31.19 -4.79
C ALA A 269 -12.81 -30.70 -4.89
N CYS A 270 -13.74 -31.61 -4.97
CA CYS A 270 -15.26 -31.39 -5.15
C CYS A 270 -16.14 -32.29 -4.22
N TRP A 271 -17.25 -31.71 -3.79
CA TRP A 271 -18.27 -32.31 -2.98
C TRP A 271 -19.63 -32.10 -3.47
N THR A 272 -20.60 -32.97 -3.04
CA THR A 272 -22.05 -32.80 -3.24
C THR A 272 -22.27 -31.43 -2.75
N ASN A 273 -22.78 -30.57 -3.64
CA ASN A 273 -23.07 -29.15 -3.35
C ASN A 273 -23.53 -29.00 -1.89
N SER A 274 -24.16 -30.05 -1.35
CA SER A 274 -24.52 -30.17 0.09
C SER A 274 -23.44 -30.47 1.15
N GLU A 275 -22.81 -31.64 1.24
CA GLU A 275 -21.81 -31.89 2.34
C GLU A 275 -20.47 -31.10 2.28
N THR A 276 -20.51 -29.78 2.55
CA THR A 276 -19.28 -28.88 2.59
C THR A 276 -18.05 -29.49 3.26
N PRO A 277 -16.86 -29.19 2.70
CA PRO A 277 -15.61 -29.74 3.32
C PRO A 277 -15.00 -29.09 4.70
N TRP A 278 -15.54 -27.93 5.13
CA TRP A 278 -15.07 -27.09 6.29
C TRP A 278 -15.04 -27.71 7.68
N SER A 279 -15.93 -28.63 7.94
CA SER A 279 -16.02 -29.34 9.27
C SER A 279 -14.79 -30.23 9.59
N TYR A 280 -14.21 -30.83 8.55
CA TYR A 280 -13.00 -31.63 8.87
C TYR A 280 -11.57 -31.01 8.74
N PHE A 281 -11.41 -29.74 8.48
CA PHE A 281 -10.14 -29.24 8.27
C PHE A 281 -9.77 -28.40 9.47
N PRO A 282 -8.51 -28.30 9.74
CA PRO A 282 -8.07 -27.51 10.89
C PRO A 282 -8.00 -26.05 10.73
N LYS A 283 -7.96 -25.39 11.89
CA LYS A 283 -7.49 -23.90 11.92
C LYS A 283 -5.98 -23.78 11.68
N ILE A 284 -5.64 -22.67 11.04
CA ILE A 284 -4.24 -22.22 10.87
C ILE A 284 -4.10 -20.84 11.52
N SER A 285 -3.16 -20.77 12.41
CA SER A 285 -2.81 -19.61 13.18
C SER A 285 -1.32 -19.14 12.97
N ILE A 286 -1.19 -17.89 12.70
CA ILE A 286 0.15 -17.29 12.50
C ILE A 286 0.35 -16.41 13.75
N TYR A 287 1.40 -16.69 14.55
CA TYR A 287 1.74 -15.82 15.67
C TYR A 287 2.67 -14.67 15.27
N LEU A 288 2.26 -13.48 15.59
CA LEU A 288 3.08 -12.18 15.34
C LEU A 288 3.54 -11.49 16.61
N ARG A 289 4.75 -10.96 16.62
CA ARG A 289 5.30 -10.32 17.82
C ARG A 289 4.59 -9.07 18.11
N ASP A 290 4.26 -8.87 19.36
CA ASP A 290 3.53 -7.61 19.70
C ASP A 290 4.59 -6.46 19.80
N GLU A 291 4.16 -5.18 19.89
CA GLU A 291 5.13 -3.99 20.21
C GLU A 291 6.00 -4.20 21.46
N ASN A 292 5.48 -4.84 22.53
CA ASN A 292 6.16 -5.39 23.58
C ASN A 292 6.68 -6.75 23.17
N SER A 293 7.99 -6.95 23.24
CA SER A 293 8.56 -8.19 22.65
C SER A 293 8.26 -9.43 23.44
N SER A 294 8.00 -9.33 24.71
CA SER A 294 7.63 -10.47 25.51
C SER A 294 6.25 -11.12 25.16
N ARG A 295 5.46 -10.55 24.31
CA ARG A 295 4.08 -10.85 24.04
C ARG A 295 3.92 -11.10 22.57
N SER A 296 3.00 -12.01 22.24
CA SER A 296 2.56 -12.16 20.86
C SER A 296 1.06 -12.22 20.80
N PHE A 297 0.58 -12.20 19.60
CA PHE A 297 -0.87 -12.32 19.30
C PHE A 297 -0.95 -13.22 18.07
N ARG A 298 -2.11 -13.80 17.85
CA ARG A 298 -2.27 -14.82 16.70
C ARG A 298 -3.41 -14.47 15.88
N ILE A 299 -3.18 -14.52 14.61
CA ILE A 299 -4.23 -14.28 13.65
C ILE A 299 -4.60 -15.75 13.13
N THR A 300 -5.86 -15.96 13.05
CA THR A 300 -6.34 -17.31 12.74
C THR A 300 -7.34 -17.32 11.60
N ILE A 301 -7.12 -18.25 10.64
CA ILE A 301 -8.01 -18.44 9.43
C ILE A 301 -8.74 -19.90 9.58
N LEU A 302 -10.03 -19.93 9.43
CA LEU A 302 -10.71 -21.20 9.37
C LEU A 302 -10.51 -21.82 7.91
N PRO A 303 -10.77 -23.11 7.72
CA PRO A 303 -10.84 -23.67 6.39
C PRO A 303 -11.52 -22.96 5.29
N GLN A 304 -12.62 -22.32 5.55
CA GLN A 304 -13.32 -21.66 4.58
C GLN A 304 -12.39 -20.59 3.87
N LEU A 305 -11.35 -19.98 4.52
CA LEU A 305 -10.44 -18.96 3.76
C LEU A 305 -9.34 -19.62 3.02
N TYR A 306 -8.88 -20.78 3.45
CA TYR A 306 -7.84 -21.45 2.67
C TYR A 306 -8.38 -22.66 1.79
N ILE A 307 -9.69 -22.98 1.84
CA ILE A 307 -10.19 -24.11 0.97
C ILE A 307 -11.25 -23.22 0.33
N GLN A 308 -10.85 -22.67 -0.84
CA GLN A 308 -11.60 -21.68 -1.60
C GLN A 308 -12.49 -22.12 -2.85
N PRO A 309 -13.80 -21.77 -2.88
CA PRO A 309 -14.74 -22.17 -3.99
C PRO A 309 -14.43 -21.43 -5.36
N MET A 310 -14.59 -22.11 -6.42
CA MET A 310 -14.18 -21.65 -7.70
C MET A 310 -15.44 -21.83 -8.60
N LEU A 315 -22.89 -26.44 -11.94
CA LEU A 315 -24.23 -26.76 -11.41
C LEU A 315 -24.17 -27.73 -10.15
N ASN A 316 -24.17 -29.05 -10.37
CA ASN A 316 -24.48 -30.03 -9.29
C ASN A 316 -23.34 -30.31 -8.23
N TYR A 317 -22.17 -29.68 -8.38
CA TYR A 317 -20.97 -29.83 -7.52
C TYR A 317 -20.32 -28.38 -7.18
N GLU A 318 -19.88 -28.11 -5.93
CA GLU A 318 -19.12 -26.95 -5.57
C GLU A 318 -17.66 -27.45 -5.49
N CYS A 319 -16.77 -26.79 -6.19
CA CYS A 319 -15.33 -27.12 -6.17
C CYS A 319 -14.44 -26.02 -5.66
N TYR A 320 -13.24 -26.49 -5.15
CA TYR A 320 -12.40 -25.85 -4.21
C TYR A 320 -10.91 -26.00 -4.60
N ARG A 321 -10.25 -24.93 -4.50
CA ARG A 321 -8.77 -24.85 -4.55
C ARG A 321 -8.07 -24.61 -3.25
N PHE A 322 -6.82 -25.11 -3.13
CA PHE A 322 -6.12 -24.84 -1.87
C PHE A 322 -5.58 -23.40 -1.96
N GLY A 323 -5.82 -22.62 -0.93
CA GLY A 323 -5.53 -21.22 -0.88
C GLY A 323 -4.16 -20.93 -0.34
N ILE A 324 -3.29 -21.90 -0.41
CA ILE A 324 -1.88 -21.68 0.15
C ILE A 324 -1.00 -22.29 -0.96
N SER A 325 0.12 -21.63 -1.31
CA SER A 325 1.10 -22.07 -2.36
C SER A 325 2.45 -21.90 -1.85
N PRO A 326 3.39 -22.66 -2.36
CA PRO A 326 4.87 -22.43 -1.98
C PRO A 326 5.53 -21.23 -2.59
N SER A 327 6.42 -20.58 -1.88
CA SER A 327 7.37 -19.53 -2.43
C SER A 327 8.82 -19.91 -2.32
N THR A 328 9.67 -19.07 -2.93
CA THR A 328 11.14 -19.08 -2.75
C THR A 328 11.58 -18.10 -1.56
N ASN A 329 12.15 -16.91 -1.82
CA ASN A 329 12.68 -16.04 -0.71
C ASN A 329 11.60 -15.14 -0.10
N ALA A 330 10.42 -15.73 0.36
CA ALA A 330 9.26 -14.91 1.10
C ALA A 330 8.00 -15.67 1.59
N LEU A 331 7.59 -15.47 2.84
CA LEU A 331 6.32 -15.79 3.42
C LEU A 331 5.41 -14.54 3.19
N VAL A 332 4.52 -14.59 2.22
CA VAL A 332 3.63 -13.58 1.77
C VAL A 332 2.18 -13.80 2.39
N ILE A 333 1.80 -12.96 3.29
CA ILE A 333 0.52 -12.86 3.82
C ILE A 333 -0.24 -12.04 2.74
N GLY A 334 -0.88 -12.81 1.88
CA GLY A 334 -1.72 -12.27 0.91
C GLY A 334 -3.21 -12.22 1.20
N ALA A 335 -3.97 -12.19 0.08
CA ALA A 335 -5.52 -12.06 0.18
C ALA A 335 -6.18 -13.26 0.89
N THR A 336 -5.62 -14.47 0.79
CA THR A 336 -6.11 -15.66 1.57
C THR A 336 -6.34 -15.28 3.04
N VAL A 337 -5.35 -14.69 3.63
CA VAL A 337 -5.31 -14.16 5.08
C VAL A 337 -5.99 -12.80 5.20
N MET A 338 -5.74 -11.84 4.32
CA MET A 338 -6.21 -10.35 4.59
C MET A 338 -7.80 -10.35 4.46
N GLU A 339 -8.35 -11.25 3.67
CA GLU A 339 -9.81 -11.48 3.56
C GLU A 339 -10.49 -11.79 4.91
N GLY A 340 -9.67 -12.14 5.89
CA GLY A 340 -10.17 -12.32 7.36
C GLY A 340 -10.10 -11.13 8.31
N PHE A 341 -9.43 -10.03 7.92
CA PHE A 341 -8.97 -8.98 8.81
C PHE A 341 -9.07 -7.67 8.19
N TYR A 342 -9.36 -6.68 9.09
CA TYR A 342 -9.23 -5.23 8.77
C TYR A 342 -7.72 -4.99 9.03
N VAL A 343 -6.96 -4.68 8.03
CA VAL A 343 -5.52 -4.60 8.19
C VAL A 343 -5.03 -3.18 8.18
N ILE A 344 -4.25 -2.77 9.19
CA ILE A 344 -4.03 -1.22 9.39
C ILE A 344 -2.48 -0.96 9.08
N PHE A 345 -2.18 -0.29 8.00
CA PHE A 345 -0.77 -0.06 7.56
C PHE A 345 -0.29 1.24 8.19
N ASP A 346 0.04 1.24 9.48
CA ASP A 346 0.36 2.51 10.21
C ASP A 346 1.84 2.83 9.97
N ARG A 347 2.07 3.48 8.90
CA ARG A 347 3.39 3.80 8.52
C ARG A 347 3.91 4.89 9.60
N ALA A 348 3.06 5.73 10.20
CA ALA A 348 3.58 6.90 10.99
C ALA A 348 4.14 6.25 12.26
N GLN A 349 3.60 5.10 12.71
CA GLN A 349 4.09 4.44 13.88
C GLN A 349 4.81 3.21 13.66
N LYS A 350 5.20 2.90 12.40
CA LYS A 350 6.01 1.77 12.10
C LYS A 350 5.44 0.49 12.68
N ARG A 351 4.20 0.23 12.31
CA ARG A 351 3.49 -0.96 12.72
C ARG A 351 2.31 -1.39 11.85
N VAL A 352 2.02 -2.73 11.81
CA VAL A 352 0.81 -3.21 11.09
C VAL A 352 -0.21 -3.65 12.10
N GLY A 353 -1.38 -3.09 11.99
CA GLY A 353 -2.44 -3.60 12.88
C GLY A 353 -3.45 -4.58 12.21
N PHE A 354 -4.02 -5.46 13.03
CA PHE A 354 -5.03 -6.54 12.53
C PHE A 354 -6.15 -6.52 13.49
N ALA A 355 -7.40 -6.40 12.99
CA ALA A 355 -8.60 -6.69 13.77
C ALA A 355 -9.47 -7.72 12.90
N ALA A 356 -10.30 -8.49 13.58
CA ALA A 356 -11.33 -9.42 12.92
C ALA A 356 -12.27 -8.59 12.10
N SER A 357 -12.46 -9.01 10.83
CA SER A 357 -13.33 -8.33 9.85
C SER A 357 -14.78 -8.92 10.07
N PRO A 358 -15.68 -8.08 10.41
CA PRO A 358 -17.06 -8.37 10.36
C PRO A 358 -17.71 -8.84 9.03
N CYS A 359 -17.17 -8.42 7.89
CA CYS A 359 -17.65 -8.85 6.63
C CYS A 359 -17.08 -10.33 6.38
N ALA A 360 -16.16 -10.79 7.19
CA ALA A 360 -15.47 -12.01 6.96
C ALA A 360 -16.21 -13.19 7.63
N GLU A 361 -17.26 -13.45 6.99
CA GLU A 361 -18.25 -14.36 7.52
C GLU A 361 -18.97 -15.12 6.33
N ILE A 362 -19.20 -16.43 6.48
CA ILE A 362 -19.87 -17.29 5.48
C ILE A 362 -20.81 -18.19 6.28
N ALA A 363 -22.02 -18.33 5.80
CA ALA A 363 -23.10 -19.03 6.34
C ALA A 363 -23.23 -18.79 7.85
N GLY A 364 -22.98 -17.52 8.26
CA GLY A 364 -23.31 -16.98 9.55
C GLY A 364 -22.25 -17.46 10.52
N ALA A 365 -21.13 -17.88 9.96
CA ALA A 365 -19.93 -18.12 10.76
C ALA A 365 -18.73 -17.26 10.37
N ALA A 366 -18.00 -16.83 11.39
CA ALA A 366 -16.79 -16.02 11.29
C ALA A 366 -15.72 -16.89 10.72
N VAL A 367 -14.95 -16.45 9.77
CA VAL A 367 -14.01 -17.33 9.12
C VAL A 367 -12.63 -16.96 9.51
N SER A 368 -12.51 -16.04 10.40
CA SER A 368 -11.17 -15.63 10.93
C SER A 368 -11.39 -15.38 12.47
N GLU A 369 -10.27 -15.39 13.18
CA GLU A 369 -10.15 -14.98 14.61
C GLU A 369 -8.83 -14.36 14.98
N ILE A 370 -8.91 -13.51 15.97
CA ILE A 370 -7.66 -12.80 16.46
C ILE A 370 -7.73 -13.03 17.99
N SER A 371 -6.64 -13.39 18.56
CA SER A 371 -6.58 -13.42 20.01
C SER A 371 -5.12 -13.22 20.50
N GLY A 372 -5.06 -12.96 21.79
CA GLY A 372 -3.87 -12.59 22.49
C GLY A 372 -4.14 -12.16 23.96
N PRO A 373 -3.13 -12.16 24.79
CA PRO A 373 -1.70 -12.10 24.36
C PRO A 373 -1.10 -13.46 24.71
N PHE A 374 0.05 -13.89 24.15
CA PHE A 374 0.76 -15.15 24.58
C PHE A 374 2.21 -14.76 24.76
N SER A 375 2.87 -15.57 25.46
CA SER A 375 4.32 -15.51 25.88
C SER A 375 5.26 -15.76 24.75
N THR A 376 6.32 -15.00 24.62
CA THR A 376 7.34 -15.29 23.64
C THR A 376 8.64 -15.82 24.31
N GLU A 377 8.60 -16.21 25.61
CA GLU A 377 9.70 -16.75 26.32
C GLU A 377 10.33 -18.03 25.73
N ASP A 378 9.63 -18.77 24.91
CA ASP A 378 10.18 -19.91 24.12
C ASP A 378 10.90 -19.56 22.76
N VAL A 379 10.57 -18.44 22.12
CA VAL A 379 11.20 -18.06 20.78
C VAL A 379 12.41 -17.08 21.02
N ALA A 380 13.34 -16.94 20.05
CA ALA A 380 14.56 -16.12 20.19
C ALA A 380 14.08 -14.72 20.45
N SER A 381 15.00 -13.81 20.72
CA SER A 381 14.65 -12.34 20.71
C SER A 381 14.47 -11.73 19.31
N ASN A 382 15.06 -12.33 18.26
CA ASN A 382 14.70 -11.97 16.92
C ASN A 382 14.73 -13.15 15.97
N CYS A 383 13.60 -13.28 15.38
CA CYS A 383 13.28 -14.34 14.37
C CYS A 383 13.67 -14.03 12.94
N VAL A 384 14.00 -12.77 12.60
CA VAL A 384 14.55 -12.34 11.27
C VAL A 384 16.12 -12.59 11.30
N PRO A 385 16.77 -13.32 10.34
CA PRO A 385 18.15 -13.61 10.17
C PRO A 385 19.05 -12.52 9.95
N ALA B 1 20.18 6.97 -3.47
CA ALA B 1 19.44 8.19 -3.87
C ALA B 1 19.25 9.09 -2.63
N GLN B 2 20.33 9.56 -1.95
CA GLN B 2 20.28 10.38 -0.63
C GLN B 2 19.77 11.84 -0.84
N VAL B 3 18.40 11.97 -1.12
CA VAL B 3 17.58 13.23 -1.32
C VAL B 3 17.83 14.23 -0.14
N GLN B 4 18.93 15.05 -0.19
CA GLN B 4 19.28 16.13 0.81
C GLN B 4 18.75 17.51 0.35
N LEU B 5 18.14 18.21 1.27
CA LEU B 5 17.31 19.39 1.06
C LEU B 5 17.51 20.50 2.10
N GLN B 6 17.60 21.77 1.69
CA GLN B 6 17.98 22.87 2.75
C GLN B 6 17.40 24.15 2.39
N GLU B 7 16.45 24.53 3.18
CA GLU B 7 15.72 25.61 2.91
C GLU B 7 16.37 26.90 3.49
N SER B 8 16.02 28.09 2.96
CA SER B 8 16.43 29.43 3.46
C SER B 8 15.48 30.45 3.01
N GLY B 9 15.65 31.56 3.64
CA GLY B 9 14.91 32.75 3.34
C GLY B 9 13.79 33.16 4.20
N GLY B 10 13.43 32.43 5.23
CA GLY B 10 12.32 33.00 6.16
C GLY B 10 12.77 34.23 6.96
N GLY B 11 11.87 34.77 7.69
CA GLY B 11 12.21 35.93 8.61
C GLY B 11 10.92 36.44 9.23
N LEU B 12 10.97 37.60 9.92
CA LEU B 12 9.90 38.32 10.61
C LEU B 12 9.48 39.47 9.80
N VAL B 13 8.26 39.42 9.33
CA VAL B 13 7.58 40.44 8.60
C VAL B 13 6.28 40.85 9.13
N GLN B 14 5.82 41.99 8.61
CA GLN B 14 4.56 42.60 8.94
C GLN B 14 3.52 42.12 7.97
N PRO B 15 2.29 42.16 8.42
CA PRO B 15 1.16 42.14 7.55
C PRO B 15 1.29 43.03 6.21
N GLY B 16 1.07 42.39 5.09
CA GLY B 16 1.30 42.99 3.83
C GLY B 16 2.69 42.78 3.38
N GLY B 17 3.54 42.23 4.22
CA GLY B 17 4.84 41.92 3.80
C GLY B 17 5.00 40.79 2.80
N SER B 18 6.28 40.54 2.61
CA SER B 18 6.75 39.58 1.55
C SER B 18 8.03 38.92 1.91
N LEU B 19 8.21 37.69 1.35
CA LEU B 19 9.42 37.00 1.52
C LEU B 19 9.57 36.10 0.26
N ARG B 20 10.74 35.59 0.12
CA ARG B 20 11.03 34.68 -0.89
C ARG B 20 11.92 33.54 -0.32
N LEU B 21 11.39 32.33 -0.33
CA LEU B 21 12.10 31.24 0.24
C LEU B 21 12.78 30.50 -0.88
N SER B 22 13.81 29.76 -0.54
CA SER B 22 14.55 29.00 -1.53
C SER B 22 14.71 27.62 -0.87
N CYS B 23 15.08 26.63 -1.66
CA CYS B 23 15.49 25.28 -1.15
C CYS B 23 16.46 24.65 -2.06
N ALA B 24 17.67 24.40 -1.53
CA ALA B 24 18.82 23.92 -2.32
C ALA B 24 18.64 22.43 -2.25
N ALA B 25 18.75 21.74 -3.36
CA ALA B 25 18.77 20.19 -3.44
C ALA B 25 20.10 19.64 -3.80
N SER B 26 20.43 18.44 -3.32
CA SER B 26 21.61 17.62 -3.69
C SER B 26 21.20 16.12 -3.52
N GLY B 27 21.90 15.17 -4.09
CA GLY B 27 21.67 13.72 -3.78
C GLY B 27 20.84 12.96 -4.76
N PHE B 28 20.24 13.68 -5.72
CA PHE B 28 19.21 13.07 -6.54
C PHE B 28 19.02 13.91 -7.82
N THR B 29 18.24 13.43 -8.76
CA THR B 29 18.05 14.20 -10.05
C THR B 29 16.89 15.10 -9.76
N PHE B 30 17.23 16.33 -9.34
CA PHE B 30 16.32 17.41 -9.02
C PHE B 30 15.44 17.69 -10.19
N SER B 31 16.01 17.69 -11.38
CA SER B 31 15.30 17.95 -12.62
C SER B 31 14.22 16.94 -12.93
N SER B 32 14.24 15.78 -12.30
CA SER B 32 13.20 14.77 -12.53
C SER B 32 12.28 14.62 -11.27
N ALA B 33 12.30 15.54 -10.30
CA ALA B 33 11.56 15.19 -9.02
C ALA B 33 10.36 16.19 -9.01
N ILE B 34 9.21 15.76 -8.64
CA ILE B 34 8.04 16.59 -8.11
C ILE B 34 8.52 17.23 -6.77
N MET B 35 8.22 18.53 -6.58
CA MET B 35 8.69 19.23 -5.43
C MET B 35 7.58 19.88 -4.77
N THR B 36 7.55 19.72 -3.49
CA THR B 36 6.44 20.26 -2.72
C THR B 36 6.84 21.17 -1.55
N TRP B 37 6.08 22.21 -1.24
CA TRP B 37 6.17 23.05 -0.01
C TRP B 37 5.08 22.83 0.88
N VAL B 38 5.44 22.51 2.11
CA VAL B 38 4.45 22.24 3.18
C VAL B 38 4.72 23.26 4.34
N ARG B 39 3.72 23.58 5.16
CA ARG B 39 3.95 24.37 6.37
C ARG B 39 3.39 23.73 7.59
N GLN B 40 4.05 24.08 8.75
CA GLN B 40 3.65 23.50 10.17
C GLN B 40 3.84 24.59 11.12
N ALA B 41 2.74 25.05 11.76
CA ALA B 41 2.83 25.92 12.86
C ALA B 41 2.65 25.13 14.06
N PRO B 42 3.12 25.69 15.18
CA PRO B 42 2.99 25.01 16.35
C PRO B 42 1.57 24.84 16.74
N GLY B 43 1.22 23.70 17.26
CA GLY B 43 -0.12 23.47 17.79
C GLY B 43 -1.12 23.28 16.65
N LYS B 44 -0.70 23.17 15.44
CA LYS B 44 -1.65 22.98 14.31
C LYS B 44 -1.32 21.80 13.44
N GLY B 45 -2.30 21.48 12.61
CA GLY B 45 -2.16 20.58 11.57
C GLY B 45 -1.27 20.97 10.46
N ARG B 46 -0.59 20.00 9.95
CA ARG B 46 0.33 20.14 8.89
C ARG B 46 -0.56 20.63 7.72
N GLU B 47 -0.02 21.49 6.92
CA GLU B 47 -0.77 22.02 5.73
C GLU B 47 0.11 22.16 4.51
N TRP B 48 -0.35 21.46 3.52
CA TRP B 48 0.18 21.65 2.18
C TRP B 48 0.07 23.11 1.68
N VAL B 49 1.09 23.67 0.94
CA VAL B 49 1.10 24.94 0.37
C VAL B 49 1.06 24.88 -1.14
N SER B 50 1.95 24.09 -1.75
CA SER B 50 2.17 24.15 -3.16
C SER B 50 3.05 23.01 -3.65
N THR B 51 2.75 22.53 -4.83
CA THR B 51 3.51 21.52 -5.49
C THR B 51 3.87 22.00 -6.91
N ILE B 52 4.98 21.55 -7.40
CA ILE B 52 5.39 21.76 -8.79
C ILE B 52 5.97 20.58 -9.44
N GLY B 53 5.59 20.34 -10.69
CA GLY B 53 6.02 19.13 -11.39
C GLY B 53 7.48 19.42 -11.87
N SER B 54 8.15 18.40 -12.35
CA SER B 54 9.64 18.42 -12.45
C SER B 54 10.19 19.44 -13.43
N ASP B 55 9.40 19.68 -14.54
CA ASP B 55 9.82 20.62 -15.63
C ASP B 55 9.22 22.04 -15.33
N GLY B 56 8.55 22.15 -14.27
CA GLY B 56 7.98 23.41 -13.88
C GLY B 56 6.73 23.96 -14.40
N SER B 57 6.15 23.31 -15.39
CA SER B 57 4.98 23.88 -16.05
C SER B 57 3.74 23.56 -15.25
N ILE B 58 3.80 22.48 -14.38
CA ILE B 58 2.61 22.13 -13.69
C ILE B 58 2.70 22.56 -12.20
N THR B 59 1.84 23.42 -11.68
CA THR B 59 1.95 23.97 -10.34
C THR B 59 0.52 24.00 -9.70
N THR B 60 0.31 23.59 -8.48
CA THR B 60 -1.02 23.62 -7.77
C THR B 60 -0.70 24.28 -6.40
N TYR B 61 -1.78 24.85 -5.85
CA TYR B 61 -1.78 25.64 -4.67
C TYR B 61 -2.96 25.33 -3.79
N ALA B 62 -2.80 25.41 -2.50
CA ALA B 62 -3.78 25.41 -1.49
C ALA B 62 -4.65 26.67 -1.68
N ASP B 63 -5.99 26.50 -1.55
CA ASP B 63 -6.89 27.56 -1.58
C ASP B 63 -6.39 28.61 -0.61
N SER B 64 -5.91 28.29 0.62
CA SER B 64 -5.48 29.39 1.54
C SER B 64 -4.30 30.32 1.04
N VAL B 65 -3.61 30.01 -0.03
CA VAL B 65 -2.53 30.91 -0.56
C VAL B 65 -2.62 31.19 -2.06
N LYS B 66 -3.78 30.83 -2.72
CA LYS B 66 -3.96 30.91 -4.20
C LYS B 66 -3.90 32.45 -4.52
N GLY B 67 -2.97 32.84 -5.40
CA GLY B 67 -2.80 34.26 -5.80
C GLY B 67 -2.12 35.20 -4.79
N ARG B 68 -1.60 34.65 -3.76
CA ARG B 68 -0.72 35.34 -2.90
C ARG B 68 0.82 34.84 -2.92
N PHE B 69 0.97 33.55 -3.08
CA PHE B 69 2.22 32.78 -3.24
C PHE B 69 2.42 32.24 -4.54
N THR B 70 3.69 32.16 -5.02
CA THR B 70 4.02 31.49 -6.24
C THR B 70 5.23 30.51 -6.13
N ILE B 71 5.04 29.29 -6.54
CA ILE B 71 6.14 28.29 -6.50
C ILE B 71 6.93 28.38 -7.79
N SER B 72 8.25 28.22 -7.82
CA SER B 72 9.02 28.13 -9.11
C SER B 72 10.22 27.36 -8.77
N ARG B 73 10.87 26.93 -9.80
CA ARG B 73 12.18 26.12 -9.65
C ARG B 73 13.22 26.57 -10.62
N ASP B 74 14.45 26.34 -10.38
CA ASP B 74 15.48 26.42 -11.34
C ASP B 74 16.25 25.11 -11.42
N ASN B 75 15.95 24.27 -12.41
CA ASN B 75 16.66 22.99 -12.57
C ASN B 75 18.11 23.10 -12.76
N ALA B 76 18.62 24.12 -13.47
CA ALA B 76 20.05 24.15 -13.78
C ALA B 76 20.85 24.40 -12.43
N ARG B 77 20.16 24.95 -11.37
CA ARG B 77 20.73 25.36 -10.10
C ARG B 77 20.27 24.48 -8.90
N ASN B 78 19.48 23.42 -9.22
CA ASN B 78 18.88 22.46 -8.27
C ASN B 78 18.27 23.19 -7.10
N THR B 79 17.51 24.25 -7.37
CA THR B 79 16.88 25.09 -6.46
C THR B 79 15.43 25.24 -6.65
N LEU B 80 14.68 25.20 -5.61
CA LEU B 80 13.15 25.34 -5.58
C LEU B 80 12.98 26.76 -4.94
N TYR B 81 11.88 27.47 -5.31
CA TYR B 81 11.59 28.79 -4.71
C TYR B 81 10.13 28.79 -4.26
N LEU B 82 9.88 29.69 -3.30
CA LEU B 82 8.54 30.19 -3.10
C LEU B 82 8.44 31.61 -2.78
N GLN B 83 7.82 32.37 -3.68
CA GLN B 83 7.56 33.80 -3.46
C GLN B 83 6.28 33.98 -2.71
N MET B 84 6.27 34.81 -1.67
CA MET B 84 5.11 34.90 -0.80
C MET B 84 4.84 36.36 -0.67
N ASN B 85 3.76 36.86 -1.31
CA ASN B 85 3.24 38.25 -1.05
C ASN B 85 1.98 38.23 -0.28
N SER B 86 1.46 39.43 -0.05
CA SER B 86 0.31 39.68 0.82
C SER B 86 0.27 38.85 2.09
N LEU B 87 1.38 38.90 2.86
CA LEU B 87 1.45 38.06 4.04
C LEU B 87 0.41 38.40 5.14
N LYS B 88 -0.24 37.38 5.70
CA LYS B 88 -1.20 37.45 6.78
C LYS B 88 -0.55 36.75 8.04
N PRO B 89 -0.90 37.14 9.23
CA PRO B 89 -0.48 36.45 10.52
C PRO B 89 -0.74 34.96 10.63
N GLU B 90 -1.92 34.51 10.13
CA GLU B 90 -2.13 33.01 9.80
C GLU B 90 -1.15 32.30 8.95
N ASP B 91 -0.39 32.96 8.11
CA ASP B 91 0.78 32.38 7.34
C ASP B 91 1.94 32.03 8.19
N THR B 92 1.87 32.34 9.45
CA THR B 92 3.07 32.04 10.35
C THR B 92 3.28 30.50 10.51
N ALA B 93 4.57 30.03 10.39
CA ALA B 93 4.87 28.65 10.51
C ALA B 93 6.22 28.36 10.12
N VAL B 94 6.63 27.14 10.27
CA VAL B 94 7.90 26.61 9.69
C VAL B 94 7.45 26.06 8.33
N TYR B 95 8.09 26.61 7.24
CA TYR B 95 7.85 26.17 5.80
C TYR B 95 8.94 25.21 5.46
N TYR B 96 8.61 24.02 4.93
CA TYR B 96 9.60 23.08 4.39
C TYR B 96 9.28 22.46 2.97
N CYS B 97 10.33 21.91 2.40
CA CYS B 97 10.31 21.38 1.02
C CYS B 97 10.34 19.82 1.24
N THR B 98 9.64 19.07 0.42
N THR B 98 9.58 19.07 0.45
CA THR B 98 9.57 17.62 0.62
CA THR B 98 9.49 17.61 0.64
C THR B 98 9.54 17.02 -0.75
C THR B 98 9.55 17.05 -0.76
N SER B 99 10.25 15.96 -0.86
CA SER B 99 10.31 15.13 -1.98
C SER B 99 10.62 13.70 -1.62
N ALA B 100 9.84 12.82 -2.24
CA ALA B 100 9.97 11.47 -2.08
C ALA B 100 9.99 10.98 -0.73
N GLY B 101 9.16 11.50 0.15
CA GLY B 101 9.30 10.90 1.45
C GLY B 101 10.19 11.72 2.44
N ARG B 102 11.04 12.55 1.90
CA ARG B 102 12.15 13.19 2.69
C ARG B 102 11.89 14.69 2.62
N ARG B 103 12.40 15.35 3.57
CA ARG B 103 12.21 16.85 3.74
C ARG B 103 13.53 17.47 4.29
N GLY B 104 13.74 18.81 4.01
CA GLY B 104 14.67 19.50 4.75
C GLY B 104 14.16 20.00 6.13
N PRO B 105 15.12 20.71 6.76
CA PRO B 105 14.80 21.18 8.12
C PRO B 105 13.82 22.26 8.18
N GLY B 106 13.59 22.98 7.12
CA GLY B 106 12.67 24.04 7.31
C GLY B 106 13.25 25.42 7.53
N THR B 107 12.36 26.45 7.27
CA THR B 107 12.70 27.82 7.47
C THR B 107 11.49 28.46 8.07
N GLN B 108 11.70 29.30 9.01
CA GLN B 108 10.63 30.03 9.88
C GLN B 108 10.13 31.24 9.25
N VAL B 109 8.82 31.38 9.14
CA VAL B 109 8.13 32.55 8.63
C VAL B 109 7.20 33.09 9.75
N THR B 110 7.36 34.34 10.23
CA THR B 110 6.54 34.95 11.22
C THR B 110 5.94 36.22 10.73
N VAL B 111 4.66 36.29 10.70
CA VAL B 111 3.98 37.51 10.28
C VAL B 111 3.39 37.97 11.57
N SER B 112 4.10 38.90 12.28
CA SER B 112 3.63 39.56 13.53
C SER B 112 3.21 40.97 13.30
N SER B 113 2.03 41.24 13.85
CA SER B 113 1.61 42.63 13.90
C SER B 113 2.46 43.35 15.06
N HIS B 114 2.76 42.67 16.19
CA HIS B 114 3.48 43.26 17.35
C HIS B 114 4.97 43.60 17.10
C1 GX6 C . 2.08 -7.86 -10.62
C2 GX6 C . 1.04 -8.40 -11.33
C3 GX6 C . -0.11 -8.81 -10.66
C4 GX6 C . -0.15 -8.78 -9.25
C5 GX6 C . -2.54 -9.65 -8.98
C6 GX6 C . -3.53 -9.86 -7.98
N1 GX6 C . -1.30 -9.20 -8.59
N2 GX6 C . -3.28 -9.43 -6.68
N3 GX6 C . -6.98 -10.63 -4.08
O1 GX6 C . -2.79 -9.87 -10.11
C7 GX6 C . -4.16 -9.59 -5.73
C8 GX6 C . -5.29 -10.32 -5.95
C9 GX6 C . -6.22 -10.49 -4.93
C10 GX6 C . -5.56 -10.83 -7.30
C11 GX6 C . -4.69 -10.54 -8.29
C12 GX6 C . 0.92 -8.30 -8.54
C13 GX6 C . 2.04 -7.83 -9.20
C14 GX6 C . 3.21 -7.17 -8.39
C15 GX6 C . 3.56 -5.85 -8.97
O2 GX6 C . 3.46 -8.86 -6.15
F1 GX6 C . 3.14 -7.44 -11.25
C16 GX6 C . 3.85 -4.80 -9.46
C17 GX6 C . 4.16 -3.49 -10.07
C18 GX6 C . 4.36 -8.10 -8.28
C19 GX6 C . 5.62 -7.50 -7.62
C20 GX6 C . 6.55 -8.10 -8.73
F2 GX6 C . 7.29 -9.13 -8.13
F3 GX6 C . 7.36 -7.20 -9.40
C21 GX6 C . 5.31 -8.39 -9.57
C22 GX6 C . 3.75 -9.34 -7.52
C23 GX6 C . 2.85 -7.68 -5.97
N4 GX6 C . 2.47 -7.48 -4.72
N5 GX6 C . 2.64 -6.81 -6.98
#